data_6MQ4
#
_entry.id   6MQ4
#
_cell.length_a   70.850
_cell.length_b   70.850
_cell.length_c   57.610
_cell.angle_alpha   90.00
_cell.angle_beta   90.00
_cell.angle_gamma   120.00
#
_symmetry.space_group_name_H-M   'P 31'
#
loop_
_entity.id
_entity.type
_entity.pdbx_description
1 polymer cellulase
2 non-polymer 'TETRAETHYLENE GLYCOL'
3 non-polymer DI(HYDROXYETHYL)ETHER
4 non-polymer 'TRIETHYLENE GLYCOL'
5 water water
#
_entity_poly.entity_id   1
_entity_poly.type   'polypeptide(L)'
_entity_poly.pdbx_seq_one_letter_code
;SVAKTGMRDITALELTKDMRLGWSLGNTMDAYYSAASGLATETCWGNPKTTKAMIDKVKEAGFNTVRIPITWAGHFGSAP
NYTIDSAWLSRVEEIVNYVLDNDMYAIINLHHEENTWLVPTYANQEVATAQITKLWEQIATRFKDYSDYLIFEAMNEPRV
VGGSAEWTGGTAENRAVINSLSLAAVNTIRATGGNNEKRFLMVPTHAACSLTDAVNDLVIPNNDSKIIVSLHMYSPYYFA
MVSNSTPTWGTDSDKSSLSYELDAVYNKFIKNGRAVVIGEFGSIDKSNLSSRVTHAQYYAQEATKRGIPVCWWDNGYYGP
GKDNSYALLNRSSLTWYYPEIVQALVKGSGYTV
;
_entity_poly.pdbx_strand_id   A
#
# COMPACT_ATOMS: atom_id res chain seq x y z
N SER A 1 22.10 4.18 5.99
CA SER A 1 20.72 4.70 5.94
C SER A 1 20.51 5.61 4.75
N VAL A 2 19.30 5.62 4.19
CA VAL A 2 18.92 6.56 3.15
C VAL A 2 17.97 7.63 3.66
N ALA A 3 17.85 7.79 4.97
CA ALA A 3 16.89 8.75 5.49
C ALA A 3 17.21 10.18 5.08
N LYS A 4 18.49 10.54 4.93
N LYS A 4 18.51 10.51 4.91
CA LYS A 4 18.84 11.95 4.71
CA LYS A 4 18.99 11.89 4.78
C LYS A 4 19.71 12.12 3.47
C LYS A 4 19.61 12.19 3.42
N THR A 5 19.42 11.35 2.42
CA THR A 5 20.10 11.49 1.14
C THR A 5 19.43 12.49 0.20
N GLY A 6 18.38 13.17 0.64
CA GLY A 6 17.85 14.25 -0.19
C GLY A 6 17.05 13.77 -1.40
N MET A 7 16.83 14.72 -2.30
CA MET A 7 15.96 14.54 -3.46
C MET A 7 16.79 14.48 -4.74
N ARG A 8 16.88 13.30 -5.32
CA ARG A 8 17.56 13.13 -6.60
C ARG A 8 16.80 13.79 -7.73
N ASP A 9 17.54 14.04 -8.81
CA ASP A 9 16.98 14.39 -10.11
C ASP A 9 16.58 13.09 -10.80
N ILE A 10 15.33 12.68 -10.60
CA ILE A 10 14.84 11.37 -11.01
C ILE A 10 13.36 11.48 -11.34
N THR A 11 12.93 10.69 -12.31
CA THR A 11 11.51 10.64 -12.66
C THR A 11 10.77 9.55 -11.89
N ALA A 12 9.45 9.66 -11.88
CA ALA A 12 8.63 8.70 -11.16
C ALA A 12 8.79 7.28 -11.72
N LEU A 13 8.80 7.14 -13.06
CA LEU A 13 9.02 5.84 -13.68
C LEU A 13 10.38 5.26 -13.33
N GLU A 14 11.39 6.12 -13.23
CA GLU A 14 12.72 5.63 -12.83
C GLU A 14 12.71 5.19 -11.37
N LEU A 15 12.04 5.94 -10.51
CA LEU A 15 11.98 5.61 -9.09
C LEU A 15 11.24 4.30 -8.87
N THR A 16 10.10 4.10 -9.54
CA THR A 16 9.34 2.87 -9.32
C THR A 16 10.09 1.66 -9.84
N LYS A 17 10.88 1.80 -10.92
CA LYS A 17 11.69 0.67 -11.37
C LYS A 17 12.66 0.26 -10.29
N ASP A 18 13.27 1.23 -9.60
CA ASP A 18 14.20 0.90 -8.54
C ASP A 18 13.51 0.38 -7.28
N MET A 19 12.29 0.82 -7.00
CA MET A 19 11.55 0.26 -5.86
C MET A 19 11.47 -1.24 -5.95
N ARG A 20 11.23 -1.75 -7.19
CA ARG A 20 11.34 -3.13 -7.63
C ARG A 20 10.38 -4.14 -7.04
N LEU A 21 10.46 -4.39 -5.74
CA LEU A 21 9.73 -5.45 -5.08
C LEU A 21 9.54 -5.03 -3.64
N GLY A 22 8.29 -5.08 -3.19
CA GLY A 22 7.92 -4.57 -1.89
C GLY A 22 7.23 -5.60 -1.00
N TRP A 23 7.16 -5.23 0.29
CA TRP A 23 6.60 -6.07 1.35
C TRP A 23 5.88 -5.11 2.28
N SER A 24 4.60 -5.35 2.52
CA SER A 24 3.85 -4.54 3.49
C SER A 24 3.90 -5.17 4.87
N LEU A 25 4.10 -4.32 5.88
CA LEU A 25 4.02 -4.64 7.31
C LEU A 25 2.52 -4.68 7.69
N GLY A 26 1.82 -5.71 7.19
CA GLY A 26 0.38 -5.70 7.29
C GLY A 26 -0.14 -6.12 8.66
N ASN A 27 -1.38 -5.74 8.93
CA ASN A 27 -2.06 -6.07 10.19
C ASN A 27 -1.22 -5.63 11.39
N THR A 28 -0.59 -4.46 11.27
CA THR A 28 0.31 -3.90 12.29
C THR A 28 -0.13 -2.49 12.61
N MET A 29 0.44 -1.44 11.99
CA MET A 29 -0.01 -0.09 12.28
C MET A 29 -1.36 0.21 11.69
N ASP A 30 -1.85 -0.70 10.86
CA ASP A 30 -3.19 -0.65 10.26
C ASP A 30 -4.24 -1.37 11.09
N ALA A 31 -3.85 -2.20 12.05
CA ALA A 31 -4.79 -2.93 12.91
C ALA A 31 -5.54 -1.94 13.78
N TYR A 32 -6.76 -2.32 14.15
CA TYR A 32 -7.57 -1.45 15.00
C TYR A 32 -8.39 -2.30 15.95
N TYR A 33 -8.83 -1.64 17.03
CA TYR A 33 -9.68 -2.28 18.05
C TYR A 33 -10.71 -1.26 18.49
N SER A 34 -10.31 -0.33 19.32
CA SER A 34 -11.22 0.75 19.72
C SER A 34 -10.44 2.04 19.93
N ALA A 35 -11.19 3.10 20.26
CA ALA A 35 -10.58 4.37 20.60
C ALA A 35 -9.79 4.32 21.89
N ALA A 36 -10.03 3.30 22.74
CA ALA A 36 -9.32 3.18 23.99
C ALA A 36 -7.97 2.49 23.85
N SER A 37 -7.67 1.90 22.69
CA SER A 37 -6.53 1.00 22.60
C SER A 37 -5.19 1.71 22.57
N GLY A 38 -5.11 2.89 21.96
CA GLY A 38 -3.83 3.57 21.90
C GLY A 38 -2.77 2.78 21.17
N LEU A 39 -1.54 2.80 21.70
CA LEU A 39 -0.41 2.12 21.08
C LEU A 39 -0.61 0.62 21.01
N ALA A 40 -1.52 0.06 21.80
CA ALA A 40 -1.81 -1.37 21.74
C ALA A 40 -2.46 -1.81 20.45
N THR A 41 -2.88 -0.89 19.57
CA THR A 41 -3.42 -1.35 18.30
C THR A 41 -2.35 -2.09 17.48
N GLU A 42 -1.09 -1.69 17.61
CA GLU A 42 -0.02 -2.28 16.78
C GLU A 42 0.01 -3.81 16.90
N THR A 43 -0.26 -4.34 18.08
CA THR A 43 -0.09 -5.76 18.40
C THR A 43 -1.43 -6.47 18.52
N CYS A 44 -2.56 -5.81 18.28
CA CYS A 44 -3.86 -6.40 18.60
C CYS A 44 -4.31 -7.44 17.60
N TRP A 45 -3.67 -7.56 16.46
CA TRP A 45 -4.00 -8.59 15.47
C TRP A 45 -2.93 -9.68 15.40
N GLY A 46 -2.10 -9.80 16.43
CA GLY A 46 -1.21 -10.93 16.57
C GLY A 46 0.20 -10.75 16.06
N ASN A 47 0.55 -9.58 15.55
CA ASN A 47 1.93 -9.31 15.20
C ASN A 47 2.69 -8.82 16.42
N PRO A 48 3.85 -9.39 16.72
CA PRO A 48 4.66 -8.83 17.81
C PRO A 48 5.05 -7.40 17.48
N LYS A 49 5.29 -6.60 18.51
CA LYS A 49 5.73 -5.21 18.31
C LYS A 49 6.90 -5.17 17.34
N THR A 50 6.79 -4.30 16.33
CA THR A 50 7.75 -4.32 15.23
C THR A 50 9.14 -3.97 15.75
N THR A 51 10.15 -4.68 15.25
CA THR A 51 11.55 -4.39 15.54
C THR A 51 12.35 -4.19 14.26
N LYS A 52 13.49 -3.52 14.39
CA LYS A 52 14.38 -3.39 13.24
C LYS A 52 14.84 -4.76 12.75
N ALA A 53 15.03 -5.73 13.65
CA ALA A 53 15.48 -7.05 13.23
C ALA A 53 14.51 -7.69 12.25
N MET A 54 13.20 -7.45 12.40
CA MET A 54 12.23 -7.96 11.44
C MET A 54 12.49 -7.35 10.07
N ILE A 55 12.65 -6.03 10.03
CA ILE A 55 12.89 -5.33 8.77
C ILE A 55 14.21 -5.75 8.16
N ASP A 56 15.23 -6.00 8.99
CA ASP A 56 16.50 -6.52 8.49
C ASP A 56 16.29 -7.80 7.67
N LYS A 57 15.43 -8.71 8.15
CA LYS A 57 15.19 -9.94 7.42
C LYS A 57 14.53 -9.70 6.07
N VAL A 58 13.60 -8.75 6.00
CA VAL A 58 12.96 -8.38 4.75
C VAL A 58 13.99 -7.87 3.75
N LYS A 59 14.86 -6.95 4.17
N LYS A 59 14.83 -6.93 4.17
CA LYS A 59 15.91 -6.47 3.27
CA LYS A 59 15.93 -6.46 3.32
C LYS A 59 16.86 -7.61 2.85
C LYS A 59 16.80 -7.63 2.85
N GLU A 60 17.24 -8.47 3.79
CA GLU A 60 18.15 -9.57 3.46
C GLU A 60 17.59 -10.50 2.40
N ALA A 61 16.26 -10.69 2.37
CA ALA A 61 15.66 -11.58 1.41
C ALA A 61 15.67 -11.03 0.00
N GLY A 62 15.86 -9.72 -0.18
CA GLY A 62 15.87 -9.15 -1.50
C GLY A 62 14.75 -8.18 -1.82
N PHE A 63 13.90 -7.86 -0.85
CA PHE A 63 12.94 -6.79 -1.04
C PHE A 63 13.66 -5.43 -1.03
N ASN A 64 13.13 -4.47 -1.77
CA ASN A 64 13.73 -3.13 -1.81
C ASN A 64 12.79 -2.03 -1.36
N THR A 65 11.55 -2.38 -0.98
CA THR A 65 10.53 -1.45 -0.48
C THR A 65 9.79 -2.11 0.67
N VAL A 66 9.58 -1.36 1.76
CA VAL A 66 8.65 -1.75 2.81
C VAL A 66 7.53 -0.72 2.85
N ARG A 67 6.29 -1.20 2.70
CA ARG A 67 5.09 -0.39 2.87
C ARG A 67 4.61 -0.54 4.31
N ILE A 68 4.33 0.58 4.95
CA ILE A 68 3.92 0.68 6.35
C ILE A 68 2.50 1.20 6.32
N PRO A 69 1.50 0.32 6.23
CA PRO A 69 0.09 0.76 6.27
C PRO A 69 -0.25 1.21 7.68
N ILE A 70 -0.91 2.37 7.79
CA ILE A 70 -1.18 3.00 9.08
C ILE A 70 -2.65 3.44 9.10
N THR A 71 -3.40 2.91 10.07
CA THR A 71 -4.73 3.39 10.36
C THR A 71 -4.64 4.49 11.41
N TRP A 72 -5.04 5.69 11.04
CA TRP A 72 -4.94 6.85 11.92
C TRP A 72 -6.19 7.00 12.78
N ALA A 73 -7.36 6.70 12.23
CA ALA A 73 -8.58 6.59 13.02
C ALA A 73 -8.32 5.75 14.26
N GLY A 74 -8.76 6.28 15.40
CA GLY A 74 -8.45 5.73 16.69
C GLY A 74 -7.28 6.40 17.38
N HIS A 75 -6.54 7.26 16.66
CA HIS A 75 -5.36 7.90 17.17
C HIS A 75 -5.35 9.40 16.93
N PHE A 76 -6.48 10.00 16.58
CA PHE A 76 -6.57 11.44 16.44
C PHE A 76 -7.83 11.96 17.11
N GLY A 77 -7.80 13.26 17.39
CA GLY A 77 -8.82 13.91 18.19
C GLY A 77 -9.97 14.46 17.38
N SER A 78 -10.77 15.29 18.05
CA SER A 78 -11.99 15.85 17.51
C SER A 78 -11.72 16.87 16.41
N ALA A 79 -12.73 17.10 15.58
CA ALA A 79 -12.74 18.26 14.71
C ALA A 79 -12.75 19.54 15.55
N PRO A 80 -12.20 20.65 15.05
CA PRO A 80 -11.65 20.84 13.70
C PRO A 80 -10.16 20.49 13.56
N ASN A 81 -9.44 20.23 14.67
CA ASN A 81 -7.99 20.07 14.55
C ASN A 81 -7.57 18.67 14.15
N TYR A 82 -8.35 17.65 14.53
CA TYR A 82 -7.99 16.27 14.30
C TYR A 82 -6.54 15.98 14.70
N THR A 83 -6.17 16.39 15.92
CA THR A 83 -4.78 16.27 16.36
C THR A 83 -4.40 14.81 16.50
N ILE A 84 -3.31 14.43 15.88
CA ILE A 84 -2.79 13.07 15.96
C ILE A 84 -2.03 12.88 17.26
N ASP A 85 -2.30 11.80 17.96
N ASP A 85 -2.30 11.78 17.97
CA ASP A 85 -1.59 11.47 19.19
CA ASP A 85 -1.56 11.42 19.18
C ASP A 85 -0.08 11.48 18.94
C ASP A 85 -0.06 11.48 18.94
N SER A 86 0.64 12.25 19.77
CA SER A 86 2.09 12.42 19.58
C SER A 86 2.84 11.11 19.70
N ALA A 87 2.43 10.23 20.62
CA ALA A 87 3.13 8.95 20.76
C ALA A 87 2.93 8.08 19.54
N TRP A 88 1.74 8.12 18.93
CA TRP A 88 1.50 7.36 17.71
C TRP A 88 2.37 7.83 16.57
N LEU A 89 2.43 9.15 16.36
N LEU A 89 2.43 9.15 16.33
CA LEU A 89 3.30 9.69 15.32
CA LEU A 89 3.33 9.69 15.31
C LEU A 89 4.75 9.34 15.56
C LEU A 89 4.76 9.25 15.56
N SER A 90 5.20 9.35 16.83
CA SER A 90 6.59 8.98 17.12
C SER A 90 6.85 7.51 16.86
N ARG A 91 5.86 6.65 17.10
CA ARG A 91 6.03 5.22 16.82
C ARG A 91 6.12 4.96 15.32
N VAL A 92 5.26 5.62 14.53
CA VAL A 92 5.38 5.57 13.07
C VAL A 92 6.78 5.97 12.63
N GLU A 93 7.32 7.05 13.21
CA GLU A 93 8.66 7.50 12.82
C GLU A 93 9.72 6.45 13.16
N GLU A 94 9.61 5.78 14.30
CA GLU A 94 10.56 4.70 14.60
C GLU A 94 10.56 3.66 13.50
N ILE A 95 9.38 3.23 13.06
CA ILE A 95 9.30 2.15 12.08
C ILE A 95 9.79 2.62 10.71
N VAL A 96 9.47 3.86 10.33
CA VAL A 96 10.01 4.44 9.09
C VAL A 96 11.52 4.33 9.09
N ASN A 97 12.16 4.65 10.25
CA ASN A 97 13.61 4.60 10.30
C ASN A 97 14.16 3.18 10.31
N TYR A 98 13.44 2.19 10.82
CA TYR A 98 13.87 0.80 10.63
C TYR A 98 14.07 0.50 9.15
N VAL A 99 13.15 0.97 8.33
CA VAL A 99 13.16 0.70 6.89
C VAL A 99 14.27 1.51 6.22
N LEU A 100 14.29 2.83 6.43
CA LEU A 100 15.29 3.66 5.75
C LEU A 100 16.71 3.32 6.19
N ASP A 101 16.88 2.86 7.44
CA ASP A 101 18.20 2.45 7.91
C ASP A 101 18.67 1.19 7.20
N ASN A 102 17.77 0.44 6.58
CA ASN A 102 18.09 -0.72 5.75
C ASN A 102 18.28 -0.35 4.27
N ASP A 103 18.39 0.94 3.95
CA ASP A 103 18.66 1.37 2.59
C ASP A 103 17.61 0.80 1.64
N MET A 104 16.37 1.09 1.95
N MET A 104 16.33 0.98 2.04
CA MET A 104 15.23 0.63 1.17
CA MET A 104 15.13 0.50 1.35
C MET A 104 14.26 1.79 1.09
C MET A 104 14.15 1.67 1.22
N TYR A 105 13.30 1.66 0.17
CA TYR A 105 12.18 2.59 0.09
C TYR A 105 11.19 2.30 1.21
N ALA A 106 10.54 3.35 1.69
CA ALA A 106 9.44 3.25 2.65
C ALA A 106 8.21 3.99 2.14
N ILE A 107 7.04 3.37 2.27
CA ILE A 107 5.75 4.00 1.95
C ILE A 107 4.96 4.11 3.25
N ILE A 108 4.42 5.30 3.55
CA ILE A 108 3.43 5.46 4.62
C ILE A 108 2.14 5.96 4.02
N ASN A 109 1.01 5.47 4.53
CA ASN A 109 -0.29 5.85 3.99
C ASN A 109 -1.26 6.26 5.11
N LEU A 110 -2.49 6.57 4.69
CA LEU A 110 -3.67 6.46 5.55
C LEU A 110 -4.35 5.15 5.14
N HIS A 111 -4.77 4.32 6.11
CA HIS A 111 -5.18 2.96 5.81
C HIS A 111 -6.68 2.81 6.05
N HIS A 112 -7.10 2.16 7.14
CA HIS A 112 -8.53 1.86 7.34
C HIS A 112 -9.29 3.08 7.88
N GLU A 113 -9.42 4.09 7.04
CA GLU A 113 -10.09 5.34 7.36
C GLU A 113 -11.54 5.35 6.88
N GLU A 114 -11.88 4.48 5.93
CA GLU A 114 -13.17 4.52 5.27
C GLU A 114 -14.28 4.06 6.20
N ASN A 115 -13.96 3.28 7.23
CA ASN A 115 -14.99 2.77 8.10
C ASN A 115 -15.62 3.86 8.95
N THR A 116 -14.91 4.97 9.18
N THR A 116 -14.93 4.97 9.15
CA THR A 116 -15.41 6.06 10.02
CA THR A 116 -15.43 6.04 10.02
C THR A 116 -15.61 7.35 9.23
C THR A 116 -15.62 7.36 9.28
N TRP A 117 -14.57 7.92 8.71
CA TRP A 117 -14.62 9.27 8.21
C TRP A 117 -14.37 9.43 6.71
N LEU A 118 -13.59 8.54 6.09
CA LEU A 118 -13.20 8.74 4.69
CA LEU A 118 -13.20 8.74 4.69
C LEU A 118 -14.29 8.13 3.82
N VAL A 119 -15.40 8.85 3.73
CA VAL A 119 -16.62 8.43 3.07
C VAL A 119 -16.80 9.34 1.86
N PRO A 120 -16.57 8.85 0.65
CA PRO A 120 -16.47 9.75 -0.51
C PRO A 120 -17.82 10.00 -1.18
N THR A 121 -18.62 10.85 -0.54
CA THR A 121 -19.91 11.29 -1.04
C THR A 121 -19.92 12.82 -1.18
N TYR A 122 -20.79 13.34 -2.06
CA TYR A 122 -20.94 14.79 -2.13
C TYR A 122 -21.36 15.37 -0.79
N ALA A 123 -22.25 14.69 -0.08
CA ALA A 123 -22.69 15.20 1.21
C ALA A 123 -21.53 15.34 2.18
N ASN A 124 -20.62 14.38 2.20
CA ASN A 124 -19.52 14.38 3.17
C ASN A 124 -18.26 15.03 2.63
N GLN A 125 -18.26 15.55 1.42
CA GLN A 125 -17.03 16.03 0.80
C GLN A 125 -16.37 17.14 1.61
N GLU A 126 -17.14 18.11 2.09
CA GLU A 126 -16.53 19.22 2.82
C GLU A 126 -15.81 18.74 4.08
N VAL A 127 -16.47 17.92 4.88
CA VAL A 127 -15.88 17.41 6.12
C VAL A 127 -14.68 16.53 5.80
N ALA A 128 -14.79 15.62 4.84
CA ALA A 128 -13.69 14.73 4.55
C ALA A 128 -12.51 15.49 4.00
N THR A 129 -12.76 16.57 3.26
CA THR A 129 -11.67 17.40 2.74
C THR A 129 -10.95 18.12 3.88
N ALA A 130 -11.70 18.69 4.82
CA ALA A 130 -11.07 19.36 5.94
C ALA A 130 -10.25 18.36 6.75
N GLN A 131 -10.77 17.16 6.93
CA GLN A 131 -10.13 16.17 7.76
C GLN A 131 -8.85 15.62 7.10
N ILE A 132 -8.92 15.25 5.81
CA ILE A 132 -7.73 14.71 5.15
C ILE A 132 -6.63 15.78 5.11
N THR A 133 -7.02 17.05 4.98
CA THR A 133 -6.07 18.19 5.00
CA THR A 133 -5.99 18.10 4.97
C THR A 133 -5.38 18.29 6.36
N LYS A 134 -6.17 18.27 7.44
CA LYS A 134 -5.56 18.40 8.75
C LYS A 134 -4.64 17.23 9.05
N LEU A 135 -5.01 16.01 8.67
CA LEU A 135 -4.18 14.85 8.94
C LEU A 135 -2.88 14.92 8.16
N TRP A 136 -2.96 15.14 6.84
CA TRP A 136 -1.74 15.22 6.06
C TRP A 136 -0.88 16.42 6.43
N GLU A 137 -1.48 17.54 6.84
N GLU A 137 -1.48 17.54 6.84
CA GLU A 137 -0.64 18.65 7.30
CA GLU A 137 -0.64 18.65 7.31
C GLU A 137 0.29 18.18 8.42
C GLU A 137 0.28 18.18 8.41
N GLN A 138 -0.27 17.44 9.38
CA GLN A 138 0.55 16.98 10.50
C GLN A 138 1.54 15.91 10.09
N ILE A 139 1.13 14.92 9.33
CA ILE A 139 2.01 13.82 8.95
C ILE A 139 3.13 14.34 8.04
N ALA A 140 2.76 15.11 7.02
CA ALA A 140 3.75 15.63 6.11
C ALA A 140 4.73 16.54 6.81
N THR A 141 4.27 17.37 7.75
CA THR A 141 5.20 18.24 8.47
C THR A 141 6.21 17.40 9.23
N ARG A 142 5.75 16.35 9.92
CA ARG A 142 6.69 15.53 10.69
C ARG A 142 7.76 14.88 9.83
N PHE A 143 7.40 14.44 8.63
CA PHE A 143 8.28 13.69 7.74
C PHE A 143 8.91 14.54 6.64
N LYS A 144 8.85 15.87 6.75
CA LYS A 144 9.19 16.74 5.64
C LYS A 144 10.64 16.65 5.20
N ASP A 145 11.56 16.41 6.14
CA ASP A 145 12.99 16.49 5.80
C ASP A 145 13.57 15.15 5.36
N TYR A 146 12.77 14.09 5.31
CA TYR A 146 13.25 12.81 4.81
C TYR A 146 13.48 12.84 3.30
N SER A 147 14.33 11.92 2.86
CA SER A 147 14.77 11.83 1.48
C SER A 147 13.67 11.28 0.57
N ASP A 148 14.00 11.19 -0.71
CA ASP A 148 13.05 10.68 -1.70
C ASP A 148 12.81 9.18 -1.61
N TYR A 149 13.49 8.47 -0.70
CA TYR A 149 13.16 7.09 -0.43
C TYR A 149 11.89 6.94 0.40
N LEU A 150 11.40 8.03 1.00
CA LEU A 150 10.11 8.01 1.72
C LEU A 150 9.02 8.56 0.81
N ILE A 151 7.99 7.75 0.60
CA ILE A 151 6.86 8.04 -0.28
C ILE A 151 5.60 8.14 0.58
N PHE A 152 4.73 9.12 0.27
CA PHE A 152 3.44 9.23 0.94
C PHE A 152 2.33 8.72 0.01
N GLU A 153 1.52 7.78 0.51
CA GLU A 153 0.35 7.25 -0.18
C GLU A 153 -0.88 7.89 0.44
N ALA A 154 -1.59 8.72 -0.36
CA ALA A 154 -2.51 9.69 0.22
C ALA A 154 -3.75 9.05 0.88
N MET A 155 -4.21 7.94 0.32
CA MET A 155 -5.35 7.19 0.81
C MET A 155 -5.09 5.75 0.42
N ASN A 156 -5.86 4.82 1.00
CA ASN A 156 -5.67 3.41 0.76
C ASN A 156 -6.68 2.88 -0.27
N GLU A 157 -7.93 2.63 0.13
CA GLU A 157 -8.96 2.04 -0.73
C GLU A 157 -10.24 2.85 -0.56
N PRO A 158 -10.20 4.12 -0.94
CA PRO A 158 -11.37 4.98 -0.67
C PRO A 158 -12.62 4.47 -1.38
N ARG A 159 -13.72 4.41 -0.65
CA ARG A 159 -14.97 3.79 -1.07
C ARG A 159 -15.97 4.03 0.04
N VAL A 160 -17.25 3.84 -0.27
CA VAL A 160 -18.31 3.88 0.75
C VAL A 160 -18.51 2.45 1.23
N VAL A 161 -18.04 2.17 2.44
CA VAL A 161 -18.11 0.80 2.97
C VAL A 161 -19.55 0.36 3.15
N GLY A 162 -19.88 -0.81 2.59
CA GLY A 162 -21.20 -1.39 2.69
C GLY A 162 -22.13 -1.04 1.55
N GLY A 163 -21.75 -0.09 0.71
CA GLY A 163 -22.63 0.31 -0.37
C GLY A 163 -22.49 -0.56 -1.60
N SER A 164 -23.48 -0.45 -2.49
CA SER A 164 -23.56 -1.41 -3.60
C SER A 164 -22.35 -1.33 -4.52
N ALA A 165 -21.78 -0.15 -4.72
CA ALA A 165 -20.68 0.04 -5.65
C ALA A 165 -19.30 -0.16 -5.02
N GLU A 166 -19.24 -0.67 -3.79
CA GLU A 166 -17.98 -0.73 -3.07
C GLU A 166 -16.91 -1.48 -3.86
N TRP A 167 -17.28 -2.62 -4.45
CA TRP A 167 -16.33 -3.47 -5.16
C TRP A 167 -16.62 -3.54 -6.65
N THR A 168 -17.41 -2.58 -7.16
CA THR A 168 -17.71 -2.51 -8.59
C THR A 168 -17.12 -1.26 -9.26
N GLY A 169 -16.23 -0.55 -8.58
CA GLY A 169 -15.60 0.61 -9.14
C GLY A 169 -16.16 1.92 -8.68
N GLY A 170 -17.14 1.88 -7.78
CA GLY A 170 -17.72 3.10 -7.26
C GLY A 170 -18.78 3.67 -8.18
N THR A 171 -19.43 4.71 -7.69
CA THR A 171 -20.27 5.55 -8.52
C THR A 171 -19.44 6.70 -9.10
N ALA A 172 -19.99 7.41 -10.09
CA ALA A 172 -19.29 8.56 -10.62
C ALA A 172 -19.08 9.61 -9.54
N GLU A 173 -20.08 9.80 -8.67
CA GLU A 173 -19.97 10.68 -7.53
C GLU A 173 -18.80 10.28 -6.64
N ASN A 174 -18.72 8.99 -6.29
CA ASN A 174 -17.62 8.55 -5.43
C ASN A 174 -16.27 8.91 -6.07
N ARG A 175 -16.13 8.63 -7.36
CA ARG A 175 -14.84 8.86 -8.03
C ARG A 175 -14.51 10.33 -8.12
N ALA A 176 -15.52 11.20 -8.32
CA ALA A 176 -15.28 12.63 -8.31
C ALA A 176 -14.81 13.12 -6.94
N VAL A 177 -15.46 12.64 -5.86
CA VAL A 177 -15.09 13.05 -4.51
C VAL A 177 -13.68 12.56 -4.19
N ILE A 178 -13.33 11.34 -4.62
CA ILE A 178 -11.97 10.85 -4.40
C ILE A 178 -10.96 11.75 -5.09
N ASN A 179 -11.25 12.18 -6.33
CA ASN A 179 -10.35 13.13 -7.00
C ASN A 179 -10.22 14.43 -6.22
N SER A 180 -11.31 14.92 -5.62
CA SER A 180 -11.25 16.14 -4.83
C SER A 180 -10.42 15.94 -3.56
N LEU A 181 -10.54 14.77 -2.94
CA LEU A 181 -9.77 14.47 -1.74
C LEU A 181 -8.30 14.32 -2.06
N SER A 182 -7.94 13.66 -3.17
CA SER A 182 -6.53 13.52 -3.51
CA SER A 182 -6.53 13.52 -3.51
C SER A 182 -5.93 14.87 -3.87
N LEU A 183 -6.69 15.73 -4.55
CA LEU A 183 -6.21 17.07 -4.85
C LEU A 183 -5.94 17.84 -3.57
N ALA A 184 -6.85 17.79 -2.59
CA ALA A 184 -6.63 18.48 -1.34
C ALA A 184 -5.44 17.92 -0.60
N ALA A 185 -5.32 16.60 -0.57
CA ALA A 185 -4.18 16.01 0.15
C ALA A 185 -2.86 16.39 -0.50
N VAL A 186 -2.76 16.30 -1.84
CA VAL A 186 -1.52 16.65 -2.53
C VAL A 186 -1.19 18.11 -2.33
N ASN A 187 -2.17 19.00 -2.46
CA ASN A 187 -1.90 20.42 -2.28
C ASN A 187 -1.42 20.70 -0.86
N THR A 188 -2.01 20.03 0.13
CA THR A 188 -1.59 20.22 1.52
C THR A 188 -0.15 19.73 1.71
N ILE A 189 0.14 18.53 1.24
CA ILE A 189 1.50 17.98 1.38
C ILE A 189 2.53 18.91 0.74
N ARG A 190 2.27 19.35 -0.48
CA ARG A 190 3.22 20.15 -1.23
C ARG A 190 3.49 21.50 -0.55
N ALA A 191 2.55 22.02 0.26
CA ALA A 191 2.70 23.30 0.93
C ALA A 191 3.38 23.23 2.30
N THR A 192 3.82 22.07 2.78
CA THR A 192 4.36 21.94 4.14
C THR A 192 5.87 22.11 4.31
N GLY A 193 6.59 22.47 3.29
CA GLY A 193 8.03 22.71 3.49
C GLY A 193 8.92 21.49 3.40
N GLY A 194 10.12 21.62 3.97
CA GLY A 194 11.15 20.61 3.76
C GLY A 194 11.31 20.27 2.29
N ASN A 195 11.37 18.96 2.01
CA ASN A 195 11.45 18.32 0.69
C ASN A 195 10.09 17.94 0.12
N ASN A 196 9.01 18.33 0.78
CA ASN A 196 7.70 17.85 0.38
C ASN A 196 7.19 18.45 -0.93
N GLU A 197 7.80 19.52 -1.43
CA GLU A 197 7.47 20.00 -2.77
C GLU A 197 7.89 19.01 -3.84
N LYS A 198 8.88 18.16 -3.55
CA LYS A 198 9.49 17.24 -4.50
C LYS A 198 9.23 15.77 -4.18
N ARG A 199 8.57 15.45 -3.08
CA ARG A 199 8.40 14.06 -2.70
C ARG A 199 7.46 13.34 -3.66
N PHE A 200 7.78 12.07 -3.90
CA PHE A 200 6.87 11.23 -4.69
C PHE A 200 5.66 10.82 -3.86
N LEU A 201 4.47 10.91 -4.47
CA LEU A 201 3.20 10.67 -3.81
C LEU A 201 2.41 9.63 -4.58
N MET A 202 1.76 8.74 -3.86
CA MET A 202 0.87 7.73 -4.47
C MET A 202 -0.59 8.09 -4.24
N VAL A 203 -1.40 7.95 -5.29
CA VAL A 203 -2.83 8.21 -5.21
CA VAL A 203 -2.83 8.23 -5.25
C VAL A 203 -3.59 7.03 -5.79
N PRO A 204 -4.57 6.50 -5.07
CA PRO A 204 -5.35 5.36 -5.55
C PRO A 204 -6.56 5.75 -6.39
N THR A 205 -6.98 4.82 -7.23
CA THR A 205 -8.31 4.81 -7.81
C THR A 205 -9.33 4.47 -6.71
N HIS A 206 -10.61 4.50 -7.05
CA HIS A 206 -11.63 4.01 -6.14
C HIS A 206 -11.28 2.59 -5.70
N ALA A 207 -11.24 2.40 -4.38
CA ALA A 207 -10.93 1.12 -3.74
C ALA A 207 -9.56 0.57 -4.19
N ALA A 208 -8.70 1.42 -4.74
CA ALA A 208 -7.44 1.02 -5.37
C ALA A 208 -7.67 -0.07 -6.42
N CYS A 209 -8.85 -0.13 -7.03
CA CYS A 209 -9.14 -1.18 -7.98
C CYS A 209 -8.70 -0.83 -9.38
N SER A 210 -8.64 -1.86 -10.23
CA SER A 210 -8.19 -1.72 -11.61
C SER A 210 -9.34 -1.74 -12.61
N LEU A 211 -10.58 -1.63 -12.16
CA LEU A 211 -11.70 -1.66 -13.08
C LEU A 211 -11.70 -0.44 -14.00
N THR A 212 -12.23 -0.62 -15.22
CA THR A 212 -12.12 0.39 -16.25
C THR A 212 -12.63 1.75 -15.79
N ASP A 213 -13.84 1.80 -15.22
CA ASP A 213 -14.36 3.11 -14.90
C ASP A 213 -13.54 3.77 -13.80
N ALA A 214 -12.96 2.98 -12.89
CA ALA A 214 -12.14 3.54 -11.83
C ALA A 214 -10.81 4.07 -12.37
N VAL A 215 -10.17 3.33 -13.27
CA VAL A 215 -8.91 3.82 -13.82
C VAL A 215 -9.13 5.00 -14.76
N ASN A 216 -10.26 5.01 -15.48
CA ASN A 216 -10.48 6.09 -16.43
C ASN A 216 -10.86 7.40 -15.74
N ASP A 217 -11.54 7.33 -14.59
CA ASP A 217 -12.01 8.54 -13.95
C ASP A 217 -11.01 9.13 -12.97
N LEU A 218 -9.93 8.40 -12.67
CA LEU A 218 -8.87 8.95 -11.81
C LEU A 218 -8.29 10.19 -12.47
N VAL A 219 -8.14 11.26 -11.69
CA VAL A 219 -7.50 12.50 -12.13
C VAL A 219 -6.26 12.70 -11.27
N ILE A 220 -5.10 12.86 -11.91
CA ILE A 220 -3.84 13.10 -11.20
C ILE A 220 -3.91 14.55 -10.74
N PRO A 221 -3.81 14.83 -9.44
CA PRO A 221 -3.84 16.24 -8.99
C PRO A 221 -2.83 17.12 -9.72
N ASN A 222 -3.31 18.19 -10.38
CA ASN A 222 -2.48 19.18 -11.04
C ASN A 222 -1.61 18.59 -12.16
N ASN A 223 -1.90 17.39 -12.65
CA ASN A 223 -1.01 16.68 -13.55
C ASN A 223 0.43 16.64 -13.01
N ASP A 224 0.56 16.59 -11.69
CA ASP A 224 1.89 16.59 -11.06
C ASP A 224 2.70 15.39 -11.50
N SER A 225 3.92 15.66 -12.01
CA SER A 225 4.75 14.61 -12.57
C SER A 225 5.37 13.68 -11.53
N LYS A 226 5.21 13.97 -10.24
CA LYS A 226 5.75 13.17 -9.16
C LYS A 226 4.65 12.42 -8.42
N ILE A 227 3.53 12.19 -9.08
CA ILE A 227 2.46 11.35 -8.58
C ILE A 227 2.46 10.01 -9.28
N ILE A 228 2.33 8.96 -8.48
CA ILE A 228 2.31 7.55 -8.87
C ILE A 228 0.91 7.03 -8.58
N VAL A 229 0.35 6.24 -9.52
CA VAL A 229 -0.95 5.60 -9.27
C VAL A 229 -0.76 4.37 -8.38
N SER A 230 -1.63 4.23 -7.38
CA SER A 230 -1.63 3.10 -6.46
C SER A 230 -2.79 2.18 -6.80
N LEU A 231 -2.47 0.91 -7.12
CA LEU A 231 -3.45 -0.14 -7.39
C LEU A 231 -3.23 -1.32 -6.46
N HIS A 232 -4.32 -1.94 -6.03
CA HIS A 232 -4.29 -3.19 -5.28
C HIS A 232 -4.96 -4.24 -6.14
N MET A 233 -4.18 -5.23 -6.53
CA MET A 233 -4.61 -6.20 -7.54
C MET A 233 -4.35 -7.62 -7.06
N TYR A 234 -5.25 -8.13 -6.21
CA TYR A 234 -5.19 -9.52 -5.74
C TYR A 234 -5.78 -10.41 -6.84
N SER A 235 -5.05 -10.53 -7.92
CA SER A 235 -5.52 -11.16 -9.13
CA SER A 235 -5.52 -11.16 -9.13
C SER A 235 -4.90 -12.54 -9.30
N PRO A 236 -5.66 -13.55 -9.75
CA PRO A 236 -7.12 -13.49 -9.92
C PRO A 236 -7.82 -13.72 -8.59
N TYR A 237 -9.02 -13.13 -8.48
CA TYR A 237 -9.69 -12.97 -7.19
C TYR A 237 -9.85 -14.27 -6.41
N TYR A 238 -10.45 -15.29 -6.99
CA TYR A 238 -10.76 -16.48 -6.19
C TYR A 238 -9.49 -17.21 -5.75
N PHE A 239 -8.56 -17.42 -6.68
CA PHE A 239 -7.30 -18.07 -6.29
C PHE A 239 -6.60 -17.28 -5.18
N ALA A 240 -6.52 -15.97 -5.34
CA ALA A 240 -5.70 -15.17 -4.42
C ALA A 240 -6.35 -15.04 -3.05
N MET A 241 -7.67 -14.81 -2.98
CA MET A 241 -8.26 -14.25 -1.78
C MET A 241 -9.27 -15.13 -1.08
N VAL A 242 -9.82 -16.14 -1.74
CA VAL A 242 -11.02 -16.83 -1.27
C VAL A 242 -10.66 -18.22 -0.78
N SER A 243 -10.98 -18.49 0.49
N SER A 243 -10.97 -18.48 0.49
CA SER A 243 -10.76 -19.82 1.03
CA SER A 243 -10.75 -19.82 1.04
C SER A 243 -11.79 -20.80 0.46
C SER A 243 -11.79 -20.80 0.52
N ASN A 244 -11.41 -22.08 0.45
CA ASN A 244 -12.34 -23.14 0.04
C ASN A 244 -12.83 -22.96 -1.40
N SER A 245 -11.96 -22.41 -2.24
CA SER A 245 -12.22 -22.20 -3.65
C SER A 245 -10.89 -22.14 -4.36
N THR A 246 -10.88 -22.61 -5.61
CA THR A 246 -9.86 -22.34 -6.61
C THR A 246 -8.44 -22.42 -6.05
N PRO A 247 -7.94 -23.61 -5.74
CA PRO A 247 -6.60 -23.74 -5.15
C PRO A 247 -5.45 -23.88 -6.14
N THR A 248 -5.71 -23.91 -7.44
N THR A 248 -5.72 -23.95 -7.44
CA THR A 248 -4.69 -24.16 -8.44
CA THR A 248 -4.67 -24.13 -8.42
C THR A 248 -4.53 -22.94 -9.35
C THR A 248 -4.51 -22.89 -9.28
N TRP A 249 -3.28 -22.67 -9.73
CA TRP A 249 -2.99 -21.58 -10.64
C TRP A 249 -1.84 -22.01 -11.53
N GLY A 250 -1.99 -21.82 -12.85
CA GLY A 250 -0.86 -21.98 -13.75
C GLY A 250 -1.18 -22.39 -15.19
N THR A 251 -2.46 -22.45 -15.56
CA THR A 251 -2.77 -22.78 -16.95
C THR A 251 -2.49 -21.58 -17.86
N ASP A 252 -2.55 -21.82 -19.17
CA ASP A 252 -2.38 -20.70 -20.11
C ASP A 252 -3.50 -19.67 -19.93
N SER A 253 -4.73 -20.12 -19.65
CA SER A 253 -5.81 -19.19 -19.34
C SER A 253 -5.49 -18.35 -18.10
N ASP A 254 -4.98 -18.99 -17.05
CA ASP A 254 -4.56 -18.27 -15.85
C ASP A 254 -3.50 -17.22 -16.17
N LYS A 255 -2.46 -17.64 -16.90
CA LYS A 255 -1.37 -16.72 -17.22
C LYS A 255 -1.85 -15.58 -18.10
N SER A 256 -2.65 -15.89 -19.12
CA SER A 256 -3.07 -14.86 -20.06
C SER A 256 -4.05 -13.88 -19.39
N SER A 257 -4.86 -14.36 -18.46
CA SER A 257 -5.78 -13.48 -17.74
C SER A 257 -5.00 -12.48 -16.90
N LEU A 258 -3.92 -12.94 -16.26
CA LEU A 258 -3.10 -12.06 -15.44
C LEU A 258 -2.32 -11.10 -16.32
N SER A 259 -1.74 -11.60 -17.42
CA SER A 259 -1.06 -10.73 -18.38
C SER A 259 -2.01 -9.67 -18.94
N TYR A 260 -3.26 -10.04 -19.21
CA TYR A 260 -4.26 -9.09 -19.68
C TYR A 260 -4.48 -7.98 -18.65
N GLU A 261 -4.66 -8.36 -17.38
CA GLU A 261 -4.84 -7.35 -16.33
C GLU A 261 -3.64 -6.42 -16.26
N LEU A 262 -2.44 -6.98 -16.34
CA LEU A 262 -1.24 -6.16 -16.24
C LEU A 262 -1.01 -5.34 -17.52
N ASP A 263 -1.36 -5.91 -18.68
CA ASP A 263 -1.32 -5.14 -19.92
C ASP A 263 -2.27 -3.94 -19.84
N ALA A 264 -3.45 -4.13 -19.25
CA ALA A 264 -4.38 -3.02 -19.17
C ALA A 264 -3.77 -1.86 -18.39
N VAL A 265 -3.08 -2.17 -17.29
CA VAL A 265 -2.43 -1.13 -16.49
C VAL A 265 -1.25 -0.52 -17.24
N TYR A 266 -0.46 -1.38 -17.88
CA TYR A 266 0.67 -0.93 -18.68
C TYR A 266 0.22 -0.01 -19.80
N ASN A 267 -0.87 -0.37 -20.49
CA ASN A 267 -1.33 0.43 -21.63
C ASN A 267 -1.97 1.73 -21.16
N LYS A 268 -2.70 1.69 -20.05
CA LYS A 268 -3.41 2.88 -19.57
C LYS A 268 -2.44 3.88 -18.98
N PHE A 269 -1.50 3.42 -18.15
CA PHE A 269 -0.63 4.31 -17.38
C PHE A 269 0.82 4.30 -17.86
N ILE A 270 1.50 3.15 -17.78
CA ILE A 270 2.96 3.11 -18.02
C ILE A 270 3.30 3.65 -19.41
N LYS A 271 2.63 3.13 -20.45
CA LYS A 271 2.91 3.51 -21.83
C LYS A 271 2.56 4.96 -22.06
N ASN A 272 1.73 5.54 -21.20
CA ASN A 272 1.35 6.95 -21.24
C ASN A 272 2.16 7.79 -20.27
N GLY A 273 3.27 7.26 -19.77
CA GLY A 273 4.22 8.04 -18.99
C GLY A 273 3.87 8.19 -17.52
N ARG A 274 2.89 7.46 -17.01
CA ARG A 274 2.43 7.56 -15.63
C ARG A 274 2.86 6.30 -14.87
N ALA A 275 3.66 6.49 -13.82
CA ALA A 275 4.12 5.38 -13.01
C ALA A 275 2.98 4.79 -12.17
N VAL A 276 3.11 3.50 -11.90
CA VAL A 276 2.17 2.74 -11.09
C VAL A 276 2.95 1.89 -10.09
N VAL A 277 2.43 1.78 -8.88
CA VAL A 277 2.89 0.78 -7.90
C VAL A 277 1.70 -0.11 -7.59
N ILE A 278 1.87 -1.43 -7.74
CA ILE A 278 0.87 -2.37 -7.23
C ILE A 278 1.24 -2.55 -5.75
N GLY A 279 0.58 -1.75 -4.91
CA GLY A 279 0.91 -1.68 -3.50
C GLY A 279 0.43 -2.83 -2.69
N GLU A 280 -0.49 -3.65 -3.21
CA GLU A 280 -0.93 -4.87 -2.55
C GLU A 280 -1.24 -5.93 -3.59
N PHE A 281 -0.75 -7.14 -3.36
CA PHE A 281 -1.22 -8.37 -3.99
C PHE A 281 -0.79 -9.50 -3.08
N GLY A 282 -1.16 -10.71 -3.44
CA GLY A 282 -0.68 -11.88 -2.76
C GLY A 282 -1.65 -13.03 -2.94
N SER A 283 -1.34 -14.12 -2.25
CA SER A 283 -2.23 -15.27 -2.24
C SER A 283 -2.30 -15.84 -0.83
N ILE A 284 -3.48 -16.32 -0.46
CA ILE A 284 -3.67 -17.01 0.81
C ILE A 284 -3.20 -18.45 0.73
N ASP A 285 -3.10 -19.10 1.90
CA ASP A 285 -2.55 -20.46 2.01
C ASP A 285 -3.67 -21.48 1.94
N LYS A 286 -3.72 -22.20 0.83
CA LYS A 286 -4.66 -23.30 0.63
C LYS A 286 -3.96 -24.64 0.54
N SER A 287 -2.84 -24.81 1.24
CA SER A 287 -2.03 -26.03 1.15
C SER A 287 -1.69 -26.31 -0.31
N ASN A 288 -1.28 -25.24 -1.01
CA ASN A 288 -1.15 -25.22 -2.46
C ASN A 288 0.12 -24.50 -2.85
N LEU A 289 1.21 -24.85 -2.17
CA LEU A 289 2.43 -24.06 -2.29
C LEU A 289 2.91 -23.96 -3.73
N SER A 290 2.84 -25.06 -4.47
N SER A 290 2.87 -25.06 -4.48
CA SER A 290 3.33 -25.04 -5.85
CA SER A 290 4.34 -25.31 -6.14
CA SER A 290 3.38 -25.00 -5.84
C SER A 290 2.60 -23.99 -6.68
C SER A 290 2.60 -24.00 -6.71
N SER A 291 1.28 -23.92 -6.55
CA SER A 291 0.52 -22.92 -7.32
C SER A 291 0.86 -21.52 -6.85
N ARG A 292 1.06 -21.34 -5.53
CA ARG A 292 1.39 -20.01 -5.00
C ARG A 292 2.76 -19.55 -5.47
N VAL A 293 3.71 -20.48 -5.60
CA VAL A 293 5.02 -20.17 -6.14
C VAL A 293 4.94 -19.81 -7.63
N THR A 294 4.25 -20.61 -8.43
CA THR A 294 4.12 -20.30 -9.85
C THR A 294 3.47 -18.94 -10.05
N HIS A 295 2.42 -18.68 -9.27
CA HIS A 295 1.71 -17.41 -9.38
C HIS A 295 2.60 -16.24 -8.96
N ALA A 296 3.32 -16.38 -7.84
CA ALA A 296 4.16 -15.28 -7.36
C ALA A 296 5.23 -14.93 -8.37
N GLN A 297 5.90 -15.94 -8.94
N GLN A 297 5.90 -15.95 -8.93
CA GLN A 297 6.97 -15.65 -9.88
CA GLN A 297 6.96 -15.69 -9.89
C GLN A 297 6.42 -15.04 -11.17
C GLN A 297 6.42 -15.05 -11.16
N TYR A 298 5.30 -15.57 -11.67
CA TYR A 298 4.72 -15.04 -12.91
C TYR A 298 4.24 -13.61 -12.72
N TYR A 299 3.56 -13.35 -11.60
CA TYR A 299 3.10 -11.99 -11.31
C TYR A 299 4.27 -11.02 -11.24
N ALA A 300 5.30 -11.35 -10.48
CA ALA A 300 6.44 -10.45 -10.35
C ALA A 300 7.17 -10.27 -11.68
N GLN A 301 7.33 -11.35 -12.42
CA GLN A 301 8.02 -11.28 -13.71
C GLN A 301 7.28 -10.39 -14.68
N GLU A 302 5.96 -10.62 -14.83
CA GLU A 302 5.19 -9.89 -15.83
C GLU A 302 4.98 -8.44 -15.43
N ALA A 303 4.85 -8.16 -14.12
CA ALA A 303 4.80 -6.77 -13.69
C ALA A 303 6.14 -6.06 -13.92
N THR A 304 7.27 -6.73 -13.60
CA THR A 304 8.59 -6.13 -13.80
C THR A 304 8.86 -5.83 -15.28
N LYS A 305 8.50 -6.74 -16.18
CA LYS A 305 8.65 -6.53 -17.61
C LYS A 305 7.87 -5.30 -18.09
N ARG A 306 6.81 -4.93 -17.37
CA ARG A 306 6.00 -3.75 -17.67
C ARG A 306 6.36 -2.52 -16.83
N GLY A 307 7.46 -2.56 -16.09
CA GLY A 307 7.88 -1.40 -15.33
C GLY A 307 7.04 -1.12 -14.11
N ILE A 308 6.37 -2.12 -13.54
CA ILE A 308 5.47 -1.95 -12.41
C ILE A 308 6.00 -2.73 -11.22
N PRO A 309 6.45 -2.11 -10.14
CA PRO A 309 6.83 -2.89 -8.95
C PRO A 309 5.61 -3.39 -8.22
N VAL A 310 5.79 -4.52 -7.53
CA VAL A 310 4.68 -5.14 -6.80
C VAL A 310 5.08 -5.33 -5.35
N CYS A 311 4.09 -5.24 -4.46
CA CYS A 311 4.31 -5.31 -3.01
C CYS A 311 3.42 -6.38 -2.40
N TRP A 312 4.04 -7.42 -1.85
CA TRP A 312 3.25 -8.48 -1.23
C TRP A 312 2.68 -8.04 0.11
N TRP A 313 1.42 -8.38 0.35
CA TRP A 313 0.73 -8.06 1.61
C TRP A 313 1.08 -9.12 2.64
N ASP A 314 2.06 -8.84 3.51
CA ASP A 314 2.45 -9.81 4.54
C ASP A 314 1.78 -9.40 5.85
N ASN A 315 0.59 -9.93 6.08
CA ASN A 315 -0.14 -9.56 7.29
C ASN A 315 0.30 -10.36 8.51
N GLY A 316 1.27 -11.24 8.38
CA GLY A 316 1.71 -12.03 9.51
C GLY A 316 0.71 -13.04 10.02
N TYR A 317 -0.35 -13.33 9.26
CA TYR A 317 -1.38 -14.27 9.68
C TYR A 317 -1.11 -15.61 8.99
N TYR A 318 -0.76 -16.61 9.80
CA TYR A 318 -0.45 -17.94 9.34
C TYR A 318 -1.64 -18.84 9.59
N GLY A 319 -2.04 -19.60 8.57
CA GLY A 319 -3.16 -20.49 8.73
C GLY A 319 -3.53 -21.20 7.44
N PRO A 320 -2.90 -22.34 7.17
CA PRO A 320 -3.32 -23.15 6.03
C PRO A 320 -4.80 -23.46 6.10
N GLY A 321 -5.49 -23.20 4.98
CA GLY A 321 -6.90 -23.42 4.87
C GLY A 321 -7.77 -22.35 5.48
N LYS A 322 -7.18 -21.31 6.06
CA LYS A 322 -7.91 -20.25 6.72
C LYS A 322 -7.98 -18.99 5.86
N ASP A 323 -8.95 -18.14 6.20
CA ASP A 323 -9.09 -16.87 5.51
C ASP A 323 -7.87 -15.98 5.77
N ASN A 324 -7.47 -15.23 4.76
CA ASN A 324 -6.54 -14.11 4.90
C ASN A 324 -5.16 -14.55 5.38
N SER A 325 -4.76 -15.76 5.01
CA SER A 325 -3.51 -16.34 5.48
C SER A 325 -2.36 -15.98 4.53
N TYR A 326 -1.98 -14.71 4.58
CA TYR A 326 -1.00 -14.16 3.64
C TYR A 326 0.42 -14.16 4.18
N ALA A 327 0.65 -14.68 5.38
CA ALA A 327 1.94 -14.54 6.02
C ALA A 327 3.06 -15.17 5.17
N LEU A 328 4.19 -14.47 5.11
CA LEU A 328 5.45 -15.06 4.66
C LEU A 328 6.50 -15.11 5.76
N LEU A 329 6.70 -14.04 6.49
CA LEU A 329 7.70 -13.98 7.57
C LEU A 329 7.08 -14.37 8.90
N ASN A 330 7.75 -15.22 9.66
CA ASN A 330 7.44 -15.40 11.07
C ASN A 330 8.27 -14.36 11.82
N ARG A 331 7.59 -13.37 12.39
CA ARG A 331 8.26 -12.21 12.98
C ARG A 331 8.79 -12.48 14.37
N SER A 332 8.52 -13.66 14.93
N SER A 332 8.50 -13.64 14.95
CA SER A 332 9.06 -14.07 16.23
CA SER A 332 9.06 -14.08 16.22
C SER A 332 10.30 -14.93 16.10
C SER A 332 10.34 -14.87 16.03
N SER A 333 10.30 -15.92 15.20
CA SER A 333 11.49 -16.71 14.93
C SER A 333 12.44 -16.02 13.95
N LEU A 334 11.97 -14.99 13.25
CA LEU A 334 12.77 -14.29 12.23
C LEU A 334 13.21 -15.29 11.16
N THR A 335 12.31 -16.20 10.82
CA THR A 335 12.49 -17.14 9.73
C THR A 335 11.22 -17.13 8.87
N TRP A 336 11.37 -17.56 7.62
CA TRP A 336 10.25 -17.51 6.67
C TRP A 336 9.44 -18.80 6.71
N TYR A 337 8.11 -18.62 6.78
CA TYR A 337 7.21 -19.74 6.59
C TYR A 337 7.36 -20.33 5.20
N TYR A 338 7.47 -19.46 4.18
CA TYR A 338 7.40 -19.86 2.77
C TYR A 338 8.58 -19.22 2.02
N PRO A 339 9.80 -19.65 2.32
CA PRO A 339 10.93 -19.10 1.56
C PRO A 339 10.81 -19.33 0.06
N GLU A 340 10.11 -20.38 -0.37
CA GLU A 340 9.92 -20.64 -1.79
C GLU A 340 9.15 -19.51 -2.47
N ILE A 341 8.17 -18.94 -1.78
CA ILE A 341 7.43 -17.82 -2.36
C ILE A 341 8.31 -16.59 -2.42
N VAL A 342 9.06 -16.31 -1.34
CA VAL A 342 10.00 -15.19 -1.35
C VAL A 342 10.99 -15.31 -2.51
N GLN A 343 11.56 -16.49 -2.68
CA GLN A 343 12.52 -16.69 -3.77
C GLN A 343 11.88 -16.48 -5.13
N ALA A 344 10.64 -16.93 -5.31
CA ALA A 344 9.94 -16.72 -6.57
C ALA A 344 9.72 -15.24 -6.85
N LEU A 345 9.36 -14.47 -5.82
CA LEU A 345 9.14 -13.05 -6.00
C LEU A 345 10.44 -12.35 -6.37
N VAL A 346 11.52 -12.66 -5.65
CA VAL A 346 12.80 -11.99 -5.88
C VAL A 346 13.34 -12.37 -7.25
N LYS A 347 13.24 -13.65 -7.62
CA LYS A 347 13.67 -14.06 -8.96
C LYS A 347 12.83 -13.38 -10.03
N GLY A 348 11.51 -13.37 -9.87
CA GLY A 348 10.65 -12.74 -10.85
C GLY A 348 10.93 -11.27 -11.01
N SER A 349 11.33 -10.61 -9.92
CA SER A 349 11.63 -9.19 -9.97
C SER A 349 12.96 -8.88 -10.64
N GLY A 350 13.77 -9.89 -10.92
CA GLY A 350 15.03 -9.71 -11.62
C GLY A 350 16.19 -9.66 -10.65
#